data_4PJZ
#
_entry.id   4PJZ
#
_cell.length_a   58.116
_cell.length_b   63.569
_cell.length_c   138.884
_cell.angle_alpha   90.00
_cell.angle_beta   90.00
_cell.angle_gamma   90.00
#
_symmetry.space_group_name_H-M   'I 2 2 2'
#
loop_
_entity.id
_entity.type
_entity.pdbx_description
1 polymer TEICOPLANIN-A2-2
2 polymer Lysozyme
3 non-polymer 2-amino-2-deoxy-beta-D-glucopyranose
4 non-polymer '8-METHYLNONANOIC ACID'
5 non-polymer 2-acetamido-2-deoxy-beta-D-glucopyranose
6 non-polymer alpha-D-mannopyranose
7 non-polymer 'PHOSPHATE ION'
8 non-polymer GLYCEROL
9 water water
#
loop_
_entity_poly.entity_id
_entity_poly.type
_entity_poly.pdbx_seq_one_letter_code
_entity_poly.pdbx_strand_id
1 'polypeptide(L)' (GHP)(3MY)(3FG)(GHP)(GHP)(OMY)(3FG) B
2 'polypeptide(L)'
;MNIFEMLRIDEGLRLKIYKDTEGYYTIGIGHLLTKSPSLNAAKSELDKAIGRNTNGVITKDEAEKLFNQDVDAAVRGILR
NAKLKPVYDSLDAVRRAALINMVFQMGETGVAGFTNSLRMLQQKRWDEAAVNLAKSRWYNQTPNRAKRVITTFRTGTWDA
YKNLGSS(CCS)G(MHS)(DPR)(AIB)(DAL)(DAL)
;
A
#
loop_
_chem_comp.id
_chem_comp.type
_chem_comp.name
_chem_comp.formula
GCS D-saccharide, beta linking 2-amino-2-deoxy-beta-D-glucopyranose 'C6 H13 N O5'
GOL non-polymer GLYCEROL 'C3 H8 O3'
MAN D-saccharide, alpha linking alpha-D-mannopyranose 'C6 H12 O6'
NAG D-saccharide, beta linking 2-acetamido-2-deoxy-beta-D-glucopyranose 'C8 H15 N O6'
PO4 non-polymer 'PHOSPHATE ION' 'O4 P -3'
T55 non-polymer '8-METHYLNONANOIC ACID' 'C10 H20 O2'
#
# COMPACT_ATOMS: atom_id res chain seq x y z
N GHP A 1 24.77 -1.24 -7.72
CA GHP A 1 23.32 -1.42 -7.41
C GHP A 1 23.30 -1.58 -5.89
O GHP A 1 24.20 -1.09 -5.20
C1 GHP A 1 22.63 -0.21 -7.93
C2 GHP A 1 22.36 0.86 -7.08
C3 GHP A 1 21.71 1.99 -7.55
C4 GHP A 1 21.35 2.08 -8.89
O4 GHP A 1 20.71 3.20 -9.37
C5 GHP A 1 21.62 1.02 -9.75
C6 GHP A 1 22.26 -0.11 -9.27
OBD 3MY A 2 16.66 -5.48 -5.16
CZ 3MY A 2 17.97 -5.16 -4.83
CE2 3MY A 2 18.31 -4.88 -3.45
CD2 3MY A 2 19.61 -4.52 -3.05
CL 3MY A 2 16.99 -4.95 -2.28
CE1 3MY A 2 19.00 -5.08 -5.74
CD1 3MY A 2 20.30 -4.72 -5.35
CG 3MY A 2 20.61 -4.43 -4.00
CB 3MY A 2 21.98 -4.01 -3.61
CA 3MY A 2 22.17 -2.49 -3.90
C 3MY A 2 21.11 -1.65 -3.19
O 3MY A 2 21.13 -1.56 -1.95
N 3MY A 2 22.27 -2.23 -5.36
N 3FG A 3 20.18 -1.03 -3.92
OD1 3FG A 3 21.35 3.08 -6.81
CD1 3FG A 3 20.92 2.82 -5.54
CG1 3FG A 3 20.32 1.62 -5.16
CZ 3FG A 3 21.05 3.85 -4.61
CD2 3FG A 3 20.60 3.63 -3.30
OD2 3FG A 3 20.72 4.61 -2.40
CG2 3FG A 3 20.06 2.44 -2.92
CB 3FG A 3 19.90 1.42 -3.84
CA 3FG A 3 19.35 0.10 -3.39
C 3FG A 3 17.88 0.01 -3.63
O 3FG A 3 17.14 0.23 -2.72
N GHP A 4 17.43 -0.31 -4.85
CA GHP A 4 16.02 -0.46 -5.15
C GHP A 4 15.57 0.56 -6.16
O GHP A 4 16.29 0.84 -7.14
C1 GHP A 4 15.64 -1.83 -5.61
C2 GHP A 4 16.37 -2.96 -5.16
C3 GHP A 4 16.03 -4.27 -5.56
C4 GHP A 4 14.93 -4.43 -6.44
O4 GHP A 4 14.56 -5.66 -6.83
C5 GHP A 4 14.18 -3.33 -6.89
C6 GHP A 4 14.56 -2.04 -6.45
N GHP A 5 14.39 1.13 -5.95
CA GHP A 5 13.71 1.90 -7.03
C GHP A 5 12.21 1.75 -6.86
O GHP A 5 11.74 1.40 -5.76
C1 GHP A 5 14.00 3.36 -7.12
C2 GHP A 5 14.47 3.94 -8.31
C3 GHP A 5 14.71 5.32 -8.42
C4 GHP A 5 14.47 6.14 -7.35
O4 GHP A 5 14.71 7.46 -7.47
C5 GHP A 5 14.01 5.60 -6.14
C6 GHP A 5 13.76 4.22 -6.04
N OMY A 6 11.42 2.03 -7.92
CA OMY A 6 11.91 2.21 -9.31
OCZ OMY A 6 13.11 -3.64 -7.75
CE2 OMY A 6 11.41 -1.96 -8.01
CE1 OMY A 6 13.39 -1.80 -9.45
CZ OMY A 6 12.63 -2.51 -8.39
CG OMY A 6 11.68 -0.15 -9.66
CD2 OMY A 6 10.94 -0.80 -8.66
CD1 OMY A 6 12.90 -0.67 -10.04
CB OMY A 6 11.28 1.15 -10.26
CL OMY A 6 14.97 -2.38 -10.05
O OMY A 6 10.81 4.39 -9.10
C OMY A 6 11.68 3.69 -9.67
ODE OMY A 6 9.88 1.36 -10.19
N 3FG A 7 12.55 4.23 -10.53
OD1 3FG A 7 17.35 5.88 -8.90
CD1 3FG A 7 16.51 6.03 -9.95
CG1 3FG A 7 15.17 5.79 -9.70
CZ 3FG A 7 16.94 6.40 -11.24
CD2 3FG A 7 16.01 6.54 -12.25
OD2 3FG A 7 16.41 6.91 -13.50
CG2 3FG A 7 14.66 6.30 -12.02
CB 3FG A 7 14.24 5.92 -10.73
CA 3FG A 7 12.81 5.66 -10.51
C 3FG A 7 11.97 6.34 -11.57
O 3FG A 7 11.64 5.70 -12.56
OXT 3FG A 7 11.63 7.51 -11.48
N MET B 1 0.17 -16.53 -5.08
CA MET B 1 0.79 -15.33 -4.43
C MET B 1 -0.24 -14.63 -3.54
N ASN B 2 0.11 -13.49 -2.96
CA ASN B 2 -0.54 -13.03 -1.74
C ASN B 2 -0.32 -11.54 -1.50
N ILE B 3 -0.98 -11.00 -0.48
CA ILE B 3 -0.89 -9.55 -0.21
C ILE B 3 0.55 -9.02 -0.18
N PHE B 4 1.47 -9.81 0.32
CA PHE B 4 2.84 -9.38 0.48
C PHE B 4 3.48 -9.18 -0.88
N GLU B 5 3.35 -10.14 -1.78
CA GLU B 5 3.98 -10.00 -3.10
C GLU B 5 3.27 -8.94 -3.95
N MET B 6 1.96 -8.82 -3.77
CA MET B 6 1.18 -7.78 -4.41
C MET B 6 1.70 -6.40 -4.12
N LEU B 7 1.82 -6.07 -2.83
CA LEU B 7 2.29 -4.76 -2.44
C LEU B 7 3.76 -4.54 -2.82
N ARG B 8 4.51 -5.61 -2.89
CA ARG B 8 5.85 -5.53 -3.48
C ARG B 8 5.81 -5.04 -4.94
N ILE B 9 4.93 -5.61 -5.76
CA ILE B 9 4.76 -5.09 -7.13
C ILE B 9 4.32 -3.63 -7.16
N ASP B 10 3.46 -3.21 -6.23
CA ASP B 10 2.84 -1.88 -6.29
C ASP B 10 3.58 -0.73 -5.60
N GLU B 11 4.48 -1.02 -4.64
CA GLU B 11 5.08 0.02 -3.79
C GLU B 11 6.59 0.35 -4.03
N GLY B 12 7.29 -0.50 -4.78
CA GLY B 12 8.76 -0.44 -4.84
C GLY B 12 9.48 -0.83 -3.56
N LEU B 13 10.78 -0.57 -3.54
CA LEU B 13 11.65 -1.12 -2.51
C LEU B 13 12.85 -0.25 -2.50
N ARG B 14 13.18 0.29 -1.33
CA ARG B 14 14.42 1.02 -1.13
C ARG B 14 15.11 0.58 0.16
N LEU B 15 16.41 0.34 0.10
CA LEU B 15 17.20 0.06 1.33
C LEU B 15 17.88 1.31 1.88
N LYS B 16 17.69 2.43 1.18
CA LYS B 16 18.20 3.72 1.64
C LYS B 16 17.05 4.71 1.59
N ILE B 17 16.97 5.56 2.61
CA ILE B 17 15.94 6.64 2.62
C ILE B 17 15.84 7.39 1.27
N TYR B 18 14.61 7.68 0.85
CA TYR B 18 14.38 8.44 -0.34
C TYR B 18 13.16 9.33 -0.11
N LYS B 19 12.91 10.22 -1.04
CA LYS B 19 11.68 11.04 -1.01
C LYS B 19 10.62 10.50 -1.89
N ASP B 20 9.43 10.29 -1.35
CA ASP B 20 8.35 9.78 -2.18
C ASP B 20 7.84 10.87 -3.14
N THR B 21 6.74 10.63 -3.83
CA THR B 21 6.28 11.55 -4.86
C THR B 21 5.81 12.86 -4.21
N GLU B 22 5.31 12.78 -2.95
CA GLU B 22 4.88 13.98 -2.21
C GLU B 22 6.02 14.72 -1.49
N GLY B 23 7.22 14.19 -1.59
CA GLY B 23 8.39 14.84 -1.06
C GLY B 23 8.74 14.32 0.33
N TYR B 24 8.07 13.28 0.80
CA TYR B 24 8.26 12.78 2.16
C TYR B 24 9.29 11.67 2.24
N TYR B 25 10.02 11.65 3.33
CA TYR B 25 11.09 10.63 3.53
C TYR B 25 10.52 9.27 3.84
N THR B 26 11.02 8.26 3.10
CA THR B 26 10.41 6.97 3.03
C THR B 26 11.57 5.97 2.92
N ILE B 27 11.29 4.73 3.26
CA ILE B 27 12.28 3.64 3.08
C ILE B 27 11.52 2.34 2.99
N GLY B 28 12.19 1.25 2.59
CA GLY B 28 11.56 0.00 2.53
C GLY B 28 10.53 -0.09 1.43
N ILE B 29 9.45 -0.77 1.76
CA ILE B 29 8.31 -0.90 0.85
C ILE B 29 7.28 0.14 1.30
N GLY B 30 7.50 1.36 0.86
CA GLY B 30 6.56 2.45 1.11
C GLY B 30 6.39 2.78 2.57
N HIS B 31 7.43 2.60 3.38
CA HIS B 31 7.32 3.00 4.80
C HIS B 31 7.67 4.46 4.99
N LEU B 32 6.65 5.28 5.33
CA LEU B 32 6.86 6.70 5.58
C LEU B 32 7.57 6.89 6.90
N LEU B 33 8.63 7.69 6.92
CA LEU B 33 9.39 7.88 8.13
C LEU B 33 8.92 9.14 8.84
N THR B 34 8.72 10.20 8.08
CA THR B 34 8.26 11.45 8.66
C THR B 34 7.77 12.35 7.57
N LYS B 35 6.94 13.32 7.95
CA LYS B 35 6.59 14.38 7.03
C LYS B 35 7.42 15.64 7.18
N SER B 36 8.34 15.63 8.13
CA SER B 36 9.26 16.73 8.30
C SER B 36 10.17 16.86 7.08
N PRO B 37 10.50 18.10 6.68
CA PRO B 37 11.49 18.33 5.63
C PRO B 37 12.93 17.95 5.94
N SER B 38 13.22 17.51 7.16
CA SER B 38 14.59 17.30 7.59
C SER B 38 15.02 15.84 7.35
N LEU B 39 16.11 15.63 6.62
CA LEU B 39 16.66 14.27 6.46
C LEU B 39 17.13 13.71 7.82
N ASN B 40 17.60 14.58 8.70
CA ASN B 40 18.08 14.17 10.02
C ASN B 40 16.95 13.72 10.90
N ALA B 41 15.79 14.34 10.72
CA ALA B 41 14.55 13.85 11.36
C ALA B 41 14.15 12.48 10.92
N ALA B 42 14.21 12.26 9.62
CA ALA B 42 13.90 10.96 9.05
C ALA B 42 14.84 9.87 9.59
N LYS B 43 16.12 10.19 9.68
CA LYS B 43 17.11 9.27 10.21
C LYS B 43 16.90 8.99 11.69
N SER B 44 16.46 9.95 12.47
N SER B 44 16.49 10.00 12.44
CA SER B 44 16.18 9.66 13.86
CA SER B 44 16.09 9.83 13.84
C SER B 44 14.96 8.77 14.03
C SER B 44 15.01 8.78 13.97
N GLU B 45 13.96 8.93 13.16
CA GLU B 45 12.81 8.03 13.21
C GLU B 45 13.22 6.64 12.85
N LEU B 46 14.07 6.52 11.84
CA LEU B 46 14.53 5.22 11.37
C LEU B 46 15.36 4.52 12.44
N ASP B 47 16.28 5.28 13.02
CA ASP B 47 17.13 4.74 14.09
C ASP B 47 16.31 4.24 15.29
N LYS B 48 15.25 4.99 15.62
CA LYS B 48 14.31 4.59 16.67
C LYS B 48 13.58 3.27 16.28
N ALA B 49 13.12 3.17 15.03
CA ALA B 49 12.39 1.97 14.60
C ALA B 49 13.28 0.73 14.58
N ILE B 50 14.51 0.91 14.16
CA ILE B 50 15.39 -0.22 13.96
C ILE B 50 16.25 -0.53 15.20
N GLY B 51 16.49 0.44 16.07
CA GLY B 51 17.31 0.18 17.28
C GLY B 51 18.81 0.17 17.03
N ARG B 52 19.24 0.90 16.01
CA ARG B 52 20.65 1.10 15.79
C ARG B 52 20.91 2.34 14.96
N ASN B 53 22.18 2.72 14.86
CA ASN B 53 22.57 3.82 14.02
C ASN B 53 22.63 3.40 12.56
N THR B 54 21.58 3.67 11.79
CA THR B 54 21.49 3.13 10.43
C THR B 54 22.17 4.01 9.40
N ASN B 55 22.32 5.30 9.70
CA ASN B 55 22.77 6.28 8.68
C ASN B 55 21.91 6.33 7.43
N GLY B 56 20.63 5.98 7.55
CA GLY B 56 19.73 6.01 6.40
C GLY B 56 19.65 4.71 5.60
N VAL B 57 20.42 3.69 5.96
CA VAL B 57 20.52 2.45 5.17
C VAL B 57 20.08 1.30 6.06
N ILE B 58 19.17 0.48 5.54
CA ILE B 58 18.72 -0.70 6.22
C ILE B 58 19.02 -2.00 5.45
N THR B 59 18.99 -3.12 6.16
CA THR B 59 19.06 -4.45 5.53
C THR B 59 17.75 -4.95 5.00
N LYS B 60 17.79 -5.97 4.14
CA LYS B 60 16.53 -6.55 3.65
C LYS B 60 15.64 -7.06 4.77
N ASP B 61 16.23 -7.72 5.77
CA ASP B 61 15.41 -8.20 6.89
C ASP B 61 14.73 -7.07 7.63
N GLU B 62 15.41 -5.94 7.76
CA GLU B 62 14.82 -4.79 8.41
C GLU B 62 13.67 -4.18 7.59
N ALA B 63 13.87 -4.08 6.28
CA ALA B 63 12.81 -3.64 5.35
C ALA B 63 11.64 -4.58 5.50
N GLU B 64 11.92 -5.87 5.62
CA GLU B 64 10.84 -6.86 5.68
C GLU B 64 10.03 -6.73 6.96
N LYS B 65 10.69 -6.44 8.06
CA LYS B 65 10.03 -6.25 9.32
C LYS B 65 9.09 -5.03 9.32
N LEU B 66 9.59 -3.92 8.78
CA LEU B 66 8.77 -2.71 8.66
C LEU B 66 7.58 -2.97 7.79
N PHE B 67 7.78 -3.72 6.72
CA PHE B 67 6.72 -4.06 5.78
C PHE B 67 5.62 -4.88 6.43
N ASN B 68 6.00 -5.90 7.19
CA ASN B 68 5.00 -6.72 7.88
C ASN B 68 4.25 -5.92 8.93
N GLN B 69 4.94 -5.04 9.66
CA GLN B 69 4.26 -4.11 10.56
C GLN B 69 3.22 -3.23 9.85
N ASP B 70 3.59 -2.74 8.69
CA ASP B 70 2.71 -1.82 7.95
C ASP B 70 1.51 -2.57 7.37
N VAL B 71 1.73 -3.78 6.88
CA VAL B 71 0.62 -4.64 6.45
C VAL B 71 -0.32 -4.91 7.63
N ASP B 72 0.23 -5.25 8.77
CA ASP B 72 -0.60 -5.50 9.94
C ASP B 72 -1.39 -4.24 10.34
N ALA B 73 -0.79 -3.04 10.16
CA ALA B 73 -1.48 -1.80 10.47
C ALA B 73 -2.62 -1.53 9.48
N ALA B 74 -2.41 -1.85 8.21
CA ALA B 74 -3.48 -1.70 7.24
C ALA B 74 -4.70 -2.56 7.62
N VAL B 75 -4.45 -3.81 8.04
CA VAL B 75 -5.54 -4.73 8.44
C VAL B 75 -6.27 -4.22 9.70
N ARG B 76 -5.51 -3.77 10.68
CA ARG B 76 -6.08 -3.11 11.89
C ARG B 76 -6.95 -1.90 11.56
N GLY B 77 -6.55 -1.13 10.55
CA GLY B 77 -7.32 -0.03 10.07
C GLY B 77 -8.66 -0.43 9.47
N ILE B 78 -8.65 -1.44 8.61
CA ILE B 78 -9.89 -2.00 8.09
C ILE B 78 -10.80 -2.44 9.24
N LEU B 79 -10.25 -3.20 10.18
CA LEU B 79 -11.01 -3.89 11.23
C LEU B 79 -11.63 -2.91 12.22
N ARG B 80 -11.00 -1.75 12.37
CA ARG B 80 -11.51 -0.67 13.23
C ARG B 80 -12.56 0.21 12.55
N ASN B 81 -12.68 0.14 11.22
CA ASN B 81 -13.55 1.01 10.48
C ASN B 81 -14.93 0.36 10.19
N ALA B 82 -16.01 1.02 10.64
CA ALA B 82 -17.37 0.46 10.58
C ALA B 82 -17.85 0.33 9.15
N LYS B 83 -17.30 1.10 8.20
CA LYS B 83 -17.63 0.90 6.79
C LYS B 83 -16.82 -0.17 6.11
N LEU B 84 -15.56 -0.33 6.48
CA LEU B 84 -14.70 -1.25 5.79
C LEU B 84 -14.85 -2.67 6.33
N LYS B 85 -15.04 -2.78 7.64
CA LYS B 85 -14.95 -4.06 8.29
C LYS B 85 -16.00 -5.04 7.70
N PRO B 86 -17.27 -4.61 7.54
CA PRO B 86 -18.28 -5.57 7.00
C PRO B 86 -18.03 -5.97 5.54
N VAL B 87 -17.48 -5.06 4.74
CA VAL B 87 -17.10 -5.39 3.37
C VAL B 87 -16.00 -6.43 3.37
N TYR B 88 -14.96 -6.14 4.14
CA TYR B 88 -13.80 -7.01 4.27
C TYR B 88 -14.27 -8.38 4.73
N ASP B 89 -15.05 -8.42 5.80
CA ASP B 89 -15.55 -9.70 6.37
C ASP B 89 -16.20 -10.58 5.30
N SER B 90 -16.99 -9.96 4.43
CA SER B 90 -17.72 -10.62 3.35
C SER B 90 -16.89 -11.04 2.14
N LEU B 91 -15.63 -10.62 2.05
CA LEU B 91 -14.85 -10.81 0.82
C LEU B 91 -14.09 -12.10 0.96
N ASP B 92 -13.89 -12.79 -0.17
CA ASP B 92 -12.84 -13.81 -0.28
C ASP B 92 -11.44 -13.24 -0.09
N ALA B 93 -10.49 -14.14 0.11
CA ALA B 93 -9.14 -13.75 0.51
C ALA B 93 -8.44 -12.95 -0.58
N VAL B 94 -8.71 -13.24 -1.85
CA VAL B 94 -8.03 -12.52 -2.92
C VAL B 94 -8.52 -11.04 -2.95
N ARG B 95 -9.83 -10.86 -2.91
CA ARG B 95 -10.41 -9.52 -2.88
C ARG B 95 -10.11 -8.76 -1.59
N ARG B 96 -9.98 -9.48 -0.46
CA ARG B 96 -9.49 -8.88 0.78
C ARG B 96 -8.14 -8.25 0.57
N ALA B 97 -7.26 -8.95 -0.14
CA ALA B 97 -5.93 -8.42 -0.46
C ALA B 97 -6.01 -7.09 -1.24
N ALA B 98 -6.96 -7.00 -2.17
CA ALA B 98 -7.16 -5.77 -2.94
C ALA B 98 -7.56 -4.61 -2.01
N LEU B 99 -8.42 -4.89 -1.06
CA LEU B 99 -8.82 -3.86 -0.08
C LEU B 99 -7.67 -3.43 0.81
N ILE B 100 -6.86 -4.38 1.25
CA ILE B 100 -5.68 -4.07 2.05
C ILE B 100 -4.68 -3.20 1.28
N ASN B 101 -4.50 -3.50 0.01
CA ASN B 101 -3.64 -2.70 -0.87
C ASN B 101 -4.07 -1.25 -0.88
N MET B 102 -5.37 -1.00 -1.08
CA MET B 102 -5.91 0.36 -1.09
C MET B 102 -5.67 1.08 0.22
N VAL B 103 -5.91 0.40 1.33
CA VAL B 103 -5.66 1.00 2.65
C VAL B 103 -4.15 1.31 2.87
N PHE B 104 -3.31 0.37 2.48
CA PHE B 104 -1.87 0.59 2.47
C PHE B 104 -1.50 1.88 1.74
N GLN B 105 -2.11 2.11 0.58
CA GLN B 105 -1.82 3.28 -0.22
C GLN B 105 -2.37 4.57 0.36
N MET B 106 -3.66 4.58 0.70
CA MET B 106 -4.30 5.86 0.95
C MET B 106 -4.90 6.00 2.35
N GLY B 107 -4.83 4.96 3.18
CA GLY B 107 -5.43 5.01 4.52
C GLY B 107 -6.88 4.59 4.57
N GLU B 108 -7.32 4.19 5.78
CA GLU B 108 -8.68 3.73 6.02
C GLU B 108 -9.68 4.76 5.64
N THR B 109 -9.43 6.02 6.04
CA THR B 109 -10.42 7.06 5.79
C THR B 109 -10.68 7.27 4.30
N GLY B 110 -9.60 7.31 3.51
CA GLY B 110 -9.68 7.31 2.04
C GLY B 110 -10.50 6.18 1.44
N VAL B 111 -10.18 4.96 1.85
CA VAL B 111 -10.87 3.83 1.28
C VAL B 111 -12.35 3.86 1.68
N ALA B 112 -12.62 4.21 2.94
CA ALA B 112 -13.99 4.28 3.45
C ALA B 112 -14.83 5.28 2.72
N GLY B 113 -14.18 6.25 2.05
CA GLY B 113 -14.91 7.22 1.25
C GLY B 113 -15.48 6.71 -0.06
N PHE B 114 -15.14 5.49 -0.46
CA PHE B 114 -15.63 4.90 -1.70
C PHE B 114 -16.99 4.25 -1.45
N THR B 115 -17.96 5.04 -1.00
CA THR B 115 -19.21 4.50 -0.42
C THR B 115 -19.94 3.61 -1.41
N ASN B 116 -20.16 4.11 -2.62
CA ASN B 116 -20.87 3.32 -3.63
C ASN B 116 -20.11 2.04 -4.02
N SER B 117 -18.79 2.14 -4.17
CA SER B 117 -18.02 0.97 -4.63
C SER B 117 -18.04 -0.11 -3.57
N LEU B 118 -18.01 0.31 -2.31
CA LEU B 118 -18.01 -0.61 -1.20
C LEU B 118 -19.35 -1.37 -1.10
N ARG B 119 -20.46 -0.66 -1.26
CA ARG B 119 -21.77 -1.29 -1.31
C ARG B 119 -21.85 -2.29 -2.46
N MET B 120 -21.37 -1.89 -3.62
CA MET B 120 -21.33 -2.82 -4.77
C MET B 120 -20.54 -4.08 -4.46
N LEU B 121 -19.40 -3.94 -3.78
CA LEU B 121 -18.61 -5.11 -3.42
C LEU B 121 -19.33 -5.99 -2.40
N GLN B 122 -19.95 -5.34 -1.44
CA GLN B 122 -20.72 -6.03 -0.42
C GLN B 122 -21.79 -6.89 -1.11
N GLN B 123 -22.40 -6.37 -2.16
CA GLN B 123 -23.42 -7.08 -2.95
C GLN B 123 -22.85 -8.01 -4.04
N LYS B 124 -21.57 -8.41 -3.97
CA LYS B 124 -20.88 -9.12 -5.05
C LYS B 124 -21.10 -8.59 -6.47
N ARG B 125 -21.35 -7.30 -6.64
CA ARG B 125 -21.47 -6.74 -7.96
C ARG B 125 -20.08 -6.31 -8.50
N TRP B 126 -19.29 -7.29 -8.92
CA TRP B 126 -17.87 -7.06 -9.17
C TRP B 126 -17.61 -6.12 -10.34
N ASP B 127 -18.32 -6.33 -11.44
CA ASP B 127 -18.11 -5.50 -12.63
C ASP B 127 -18.50 -4.05 -12.41
N GLU B 128 -19.64 -3.82 -11.76
CA GLU B 128 -20.09 -2.49 -11.38
C GLU B 128 -19.09 -1.77 -10.46
N ALA B 129 -18.57 -2.51 -9.47
CA ALA B 129 -17.62 -1.97 -8.52
C ALA B 129 -16.36 -1.53 -9.26
N ALA B 130 -15.89 -2.38 -10.17
CA ALA B 130 -14.71 -2.06 -11.00
C ALA B 130 -14.92 -0.87 -11.91
N VAL B 131 -16.11 -0.78 -12.51
CA VAL B 131 -16.45 0.38 -13.30
C VAL B 131 -16.48 1.63 -12.43
N ASN B 132 -17.09 1.50 -11.26
CA ASN B 132 -17.26 2.64 -10.40
C ASN B 132 -15.93 3.11 -9.82
N LEU B 133 -15.07 2.17 -9.40
CA LEU B 133 -13.73 2.51 -8.89
C LEU B 133 -12.85 3.23 -9.91
N ALA B 134 -13.04 2.98 -11.21
CA ALA B 134 -12.23 3.59 -12.24
C ALA B 134 -12.65 5.04 -12.52
N LYS B 135 -13.75 5.49 -11.93
CA LYS B 135 -14.17 6.91 -12.06
C LYS B 135 -13.41 7.89 -11.14
N SER B 136 -12.60 7.34 -10.25
CA SER B 136 -12.16 8.03 -9.06
C SER B 136 -10.94 8.86 -9.40
N ARG B 137 -10.65 9.80 -8.52
CA ARG B 137 -9.36 10.50 -8.50
C ARG B 137 -8.18 9.56 -8.37
N TRP B 138 -8.27 8.62 -7.43
CA TRP B 138 -7.26 7.56 -7.26
C TRP B 138 -6.85 6.93 -8.60
N TYR B 139 -7.84 6.47 -9.37
CA TYR B 139 -7.57 5.83 -10.65
C TYR B 139 -6.86 6.78 -11.59
N ASN B 140 -7.31 8.02 -11.67
N ASN B 140 -7.31 8.04 -11.64
CA ASN B 140 -6.65 8.94 -12.55
CA ASN B 140 -6.74 9.02 -12.55
C ASN B 140 -5.19 9.24 -12.16
C ASN B 140 -5.34 9.55 -12.15
N GLN B 141 -4.96 9.45 -10.88
CA GLN B 141 -3.62 9.83 -10.40
C GLN B 141 -2.66 8.65 -10.32
N THR B 142 -3.12 7.44 -10.01
CA THR B 142 -2.24 6.27 -9.97
C THR B 142 -2.85 5.10 -10.72
N PRO B 143 -2.97 5.23 -12.07
CA PRO B 143 -3.69 4.28 -12.85
C PRO B 143 -3.03 2.92 -12.98
N ASN B 144 -1.70 2.86 -13.02
CA ASN B 144 -1.01 1.56 -13.13
C ASN B 144 -1.38 0.62 -11.97
N ARG B 145 -1.28 1.15 -10.79
CA ARG B 145 -1.66 0.38 -9.60
C ARG B 145 -3.19 0.15 -9.49
N ALA B 146 -3.97 1.22 -9.68
CA ALA B 146 -5.42 1.15 -9.57
C ALA B 146 -6.02 0.14 -10.55
N LYS B 147 -5.51 0.09 -11.79
CA LYS B 147 -5.94 -0.97 -12.74
C LYS B 147 -5.74 -2.38 -12.23
N ARG B 148 -4.60 -2.63 -11.65
CA ARG B 148 -4.30 -3.96 -11.15
C ARG B 148 -5.20 -4.26 -9.96
N VAL B 149 -5.32 -3.30 -9.06
CA VAL B 149 -6.19 -3.47 -7.90
C VAL B 149 -7.62 -3.72 -8.33
N ILE B 150 -8.10 -2.92 -9.29
CA ILE B 150 -9.45 -3.07 -9.82
C ILE B 150 -9.72 -4.42 -10.51
N THR B 151 -8.79 -4.90 -11.31
CA THR B 151 -8.88 -6.25 -11.90
C THR B 151 -8.98 -7.34 -10.87
N THR B 152 -8.27 -7.18 -9.75
CA THR B 152 -8.35 -8.10 -8.66
C THR B 152 -9.76 -8.09 -8.03
N PHE B 153 -10.32 -6.91 -7.75
CA PHE B 153 -11.74 -6.85 -7.36
C PHE B 153 -12.68 -7.48 -8.38
N ARG B 154 -12.45 -7.23 -9.66
CA ARG B 154 -13.36 -7.71 -10.72
C ARG B 154 -13.35 -9.25 -10.78
N THR B 155 -12.16 -9.85 -10.77
CA THR B 155 -11.99 -11.27 -11.12
C THR B 155 -11.88 -12.16 -9.90
N GLY B 156 -11.48 -11.61 -8.77
CA GLY B 156 -11.09 -12.40 -7.63
C GLY B 156 -9.90 -13.34 -7.88
N THR B 157 -9.10 -13.04 -8.90
CA THR B 157 -7.88 -13.80 -9.21
C THR B 157 -6.64 -12.91 -9.13
N TRP B 158 -5.47 -13.51 -9.29
CA TRP B 158 -4.20 -12.78 -9.20
C TRP B 158 -3.64 -12.41 -10.57
N ASP B 159 -4.52 -12.40 -11.57
CA ASP B 159 -4.09 -12.36 -12.97
C ASP B 159 -3.35 -11.07 -13.31
N ALA B 160 -3.86 -9.93 -12.82
CA ALA B 160 -3.21 -8.64 -13.07
C ALA B 160 -1.77 -8.56 -12.52
N TYR B 161 -1.37 -9.45 -11.63
CA TYR B 161 0.00 -9.41 -11.08
C TYR B 161 0.92 -10.48 -11.71
N LYS B 162 0.35 -11.39 -12.52
CA LYS B 162 1.09 -12.57 -13.04
C LYS B 162 2.31 -12.17 -13.86
N DPR B 171 14.55 -2.49 -15.41
CA DPR B 171 15.38 -1.32 -15.22
CB DPR B 171 16.67 -1.87 -14.62
CG DPR B 171 16.21 -3.05 -13.81
CD DPR B 171 14.99 -3.59 -14.56
C DPR B 171 14.81 -0.32 -14.22
O DPR B 171 13.92 -0.67 -13.38
N AIB B 172 15.34 0.90 -14.29
CA AIB B 172 14.92 2.07 -13.48
C AIB B 172 15.20 1.82 -12.00
O AIB B 172 14.41 2.21 -11.14
CB1 AIB B 172 15.80 3.26 -13.86
CB2 AIB B 172 13.46 2.40 -13.69
N DAL B 173 16.37 1.23 -11.74
CA DAL B 173 16.86 1.03 -10.36
CB DAL B 173 17.62 2.24 -9.90
C DAL B 173 17.69 -0.23 -10.32
O DAL B 173 18.04 -0.78 -11.35
N DAL B 174 17.94 -0.74 -9.12
CA DAL B 174 18.75 -1.95 -8.96
CB DAL B 174 17.86 -3.18 -8.96
C DAL B 174 19.53 -1.95 -7.69
O DAL B 174 20.43 -2.81 -7.52
OXT DAL B 174 19.28 -1.11 -6.81
C1 GCS C . 15.34 -6.24 -7.86
C2 GCS C . 15.05 -7.75 -7.79
C3 GCS C . 15.81 -8.49 -8.89
C4 GCS C . 15.44 -7.84 -10.21
C5 GCS C . 15.73 -6.34 -10.15
C6 GCS C . 15.49 -5.59 -11.46
N2 GCS C . 15.46 -8.29 -6.50
O3 GCS C . 15.44 -9.87 -8.90
O4 GCS C . 16.25 -8.49 -11.19
O5 GCS C . 14.91 -5.78 -9.12
O6 GCS C . 14.08 -5.66 -11.74
CAD T55 D . 11.42 -6.07 2.13
CAE T55 D . 11.54 -7.16 1.08
CAG T55 D . 13.02 -7.42 0.89
CAH T55 D . 13.27 -8.45 -0.21
CAI T55 D . 14.12 -7.87 -1.30
CAJ T55 D . 14.95 -8.97 -1.96
CAK T55 D . 15.41 -8.45 -3.31
CAL T55 D . 15.15 -9.45 -4.41
CAF T55 D . 10.77 -8.42 1.48
C T55 D . 14.60 -8.69 -5.58
O T55 D . 13.41 -8.49 -5.66
C1 NAG E . 9.28 0.59 -11.25
C2 NAG E . 7.77 0.69 -11.16
C3 NAG E . 7.13 -0.07 -12.29
C4 NAG E . 7.74 0.41 -13.60
C5 NAG E . 9.27 0.32 -13.56
C6 NAG E . 9.87 0.83 -14.86
C7 NAG E . 6.72 1.17 -9.01
C8 NAG E . 6.18 0.65 -7.71
N2 NAG E . 7.22 0.30 -9.89
O3 NAG E . 5.77 0.26 -12.26
O4 NAG E . 7.25 -0.45 -14.57
O5 NAG E . 9.74 1.10 -12.48
O6 NAG E . 9.51 2.18 -15.08
O7 NAG E . 6.68 2.38 -9.18
C1 MAN F . 18.75 6.15 -9.06
C2 MAN F . 19.33 5.90 -7.66
C3 MAN F . 18.89 6.93 -6.61
C4 MAN F . 19.16 8.32 -7.18
C5 MAN F . 18.65 8.54 -8.59
C6 MAN F . 19.45 9.70 -9.20
O2 MAN F . 20.72 5.96 -7.67
O3 MAN F . 19.58 6.72 -5.37
O4 MAN F . 18.54 9.27 -6.36
O5 MAN F . 18.92 7.48 -9.48
O6 MAN F . 18.52 10.69 -9.45
P PO4 G . 23.71 6.34 -3.40
O1 PO4 G . 22.41 7.05 -3.76
O2 PO4 G . 24.12 5.35 -4.49
O3 PO4 G . 23.74 5.62 -2.09
O4 PO4 G . 24.72 7.44 -3.22
C1 GOL H . 8.42 3.97 -6.66
O1 GOL H . 8.78 2.63 -6.95
C2 GOL H . 9.13 4.49 -5.40
O2 GOL H . 10.02 3.52 -4.81
C3 GOL H . 9.92 5.78 -5.67
O3 GOL H . 10.23 6.00 -7.04
P PO4 I . -2.43 1.47 14.91
O1 PO4 I . -3.77 1.37 14.23
O2 PO4 I . -1.45 0.54 14.23
O3 PO4 I . -2.65 1.01 16.34
O4 PO4 I . -1.88 2.88 14.90
C1 GOL J . -19.13 6.93 -6.27
O1 GOL J . -19.17 8.23 -6.90
C2 GOL J . -18.39 7.01 -4.92
O2 GOL J . -19.21 6.57 -3.82
C3 GOL J . -17.12 6.18 -4.94
O3 GOL J . -17.44 4.79 -4.67
#